data_8GWJ
#
_entry.id   8GWJ
#
_cell.length_a   66.892
_cell.length_b   66.892
_cell.length_c   240.659
_cell.angle_alpha   90.000
_cell.angle_beta   90.000
_cell.angle_gamma   120.000
#
_symmetry.space_group_name_H-M   'P 31 2 1'
#
loop_
_entity.id
_entity.type
_entity.pdbx_description
1 polymer 'Replicase polyprotein 1ab'
2 polymer VAL-LYS-LEU-GLN-ALA-VAL-PHE-ARG
#
loop_
_entity_poly.entity_id
_entity_poly.type
_entity_poly.pdbx_seq_one_letter_code
_entity_poly.pdbx_strand_id
1 'polypeptide(L)'
;SGFRKMAFPSGKVEGCMVQVTCGTTTLNGLWLDDVVYCPRHVICTSEDMLNPNYEDLLIRKSNHNFLVQAGNVQLRVIGH
SMQNCVLKLKVDTANPKTPKYKFVRIQPGQTFSVLACYNGSPSGVYQCAMRPNFTIKGSFLNGSAGSVGFNIDYDCVSFC
YMHHMELPTGVHAGTDLEGNFYGPFVDRQTAQAAGTDTTITVNVLAWLYAAVINGDRWFLNRFTTTLNDFNLVAMKYNYE
PLTQDHVDILGPLSAQTGIAVLDMCASLKELLQNGMNGRTILGSALLEDEFTPFDVVRQCSG
;
A,B
2 'polypeptide(L)' VKLQAVFR C,D
#
# COMPACT_ATOMS: atom_id res chain seq x y z
N SER A 1 -11.59 -13.22 -4.98
CA SER A 1 -12.18 -12.81 -3.68
C SER A 1 -11.13 -12.14 -2.78
N GLY A 2 -11.62 -11.37 -1.79
CA GLY A 2 -10.84 -10.46 -0.92
C GLY A 2 -10.97 -9.01 -1.38
N PHE A 3 -10.99 -8.07 -0.42
CA PHE A 3 -11.05 -6.61 -0.70
C PHE A 3 -10.05 -5.93 0.25
N ARG A 4 -9.05 -5.24 -0.30
CA ARG A 4 -7.97 -4.57 0.46
C ARG A 4 -7.70 -3.19 -0.10
N LYS A 5 -7.23 -2.29 0.76
CA LYS A 5 -6.70 -0.98 0.30
C LYS A 5 -5.41 -1.27 -0.49
N MET A 6 -5.31 -0.66 -1.67
CA MET A 6 -4.40 -1.10 -2.74
C MET A 6 -3.90 0.14 -3.48
N ALA A 7 -2.60 0.34 -3.54
CA ALA A 7 -1.96 1.41 -4.33
C ALA A 7 -1.64 0.87 -5.71
N PHE A 8 -1.44 1.76 -6.67
CA PHE A 8 -0.98 1.42 -8.03
C PHE A 8 0.46 0.96 -7.91
N PRO A 9 0.90 0.09 -8.82
CA PRO A 9 2.32 -0.23 -8.91
C PRO A 9 3.12 1.07 -9.07
N SER A 10 4.02 1.33 -8.14
CA SER A 10 4.73 2.63 -8.03
C SER A 10 5.89 2.71 -9.02
N GLY A 11 6.19 1.65 -9.79
CA GLY A 11 7.43 1.57 -10.58
C GLY A 11 7.60 2.76 -11.51
N LYS A 12 6.58 3.09 -12.29
CA LYS A 12 6.72 4.12 -13.35
C LYS A 12 6.93 5.51 -12.71
N VAL A 13 6.58 5.71 -11.44
CA VAL A 13 6.78 7.02 -10.73
C VAL A 13 8.16 7.08 -10.06
N GLU A 14 8.64 5.98 -9.47
CA GLU A 14 9.99 5.85 -8.83
C GLU A 14 11.08 6.32 -9.80
N GLY A 15 10.91 6.00 -11.08
CA GLY A 15 11.84 6.40 -12.14
C GLY A 15 11.95 7.90 -12.26
N CYS A 16 11.05 8.67 -11.65
CA CYS A 16 10.94 10.13 -11.83
C CYS A 16 11.34 10.93 -10.58
N MET A 17 11.59 10.26 -9.47
CA MET A 17 11.90 10.94 -8.20
C MET A 17 13.40 11.23 -8.16
N VAL A 18 13.76 12.51 -8.16
CA VAL A 18 15.15 13.00 -7.90
C VAL A 18 15.21 13.70 -6.54
N GLN A 19 16.38 14.17 -6.16
CA GLN A 19 16.56 15.02 -4.96
C GLN A 19 16.86 16.45 -5.39
N VAL A 20 16.23 17.40 -4.68
CA VAL A 20 16.38 18.86 -4.95
C VAL A 20 16.83 19.56 -3.66
N THR A 21 17.96 20.26 -3.76
CA THR A 21 18.65 20.99 -2.67
C THR A 21 18.85 22.43 -3.16
N CYS A 22 18.52 23.39 -2.27
CA CYS A 22 18.82 24.84 -2.43
C CYS A 22 19.48 25.35 -1.14
N GLY A 23 20.69 25.89 -1.25
CA GLY A 23 21.57 26.01 -0.08
C GLY A 23 21.63 24.69 0.67
N THR A 24 21.12 24.68 1.92
CA THR A 24 21.08 23.49 2.82
C THR A 24 19.64 22.92 2.95
N THR A 25 18.66 23.57 2.33
CA THR A 25 17.26 23.11 2.40
C THR A 25 17.09 22.12 1.25
N THR A 26 16.55 20.93 1.56
CA THR A 26 16.43 19.78 0.62
C THR A 26 15.04 19.13 0.70
N LEU A 27 14.59 18.60 -0.42
CA LEU A 27 13.30 17.88 -0.53
C LEU A 27 13.29 17.13 -1.86
N ASN A 28 12.17 16.47 -2.16
CA ASN A 28 12.04 15.54 -3.30
C ASN A 28 11.64 16.34 -4.54
N GLY A 29 11.94 15.84 -5.74
CA GLY A 29 11.53 16.46 -7.01
C GLY A 29 11.00 15.44 -8.01
N LEU A 30 10.23 15.91 -8.99
CA LEU A 30 9.59 15.04 -10.02
C LEU A 30 10.17 15.41 -11.39
N TRP A 31 11.08 14.56 -11.86
CA TRP A 31 11.85 14.71 -13.12
C TRP A 31 11.04 14.07 -14.27
N LEU A 32 10.47 14.92 -15.16
CA LEU A 32 9.69 14.51 -16.35
C LEU A 32 10.17 15.27 -17.59
N ASP A 33 10.54 14.54 -18.63
CA ASP A 33 11.26 15.08 -19.82
C ASP A 33 12.43 15.91 -19.28
N ASP A 34 12.53 17.21 -19.61
CA ASP A 34 13.68 18.06 -19.17
C ASP A 34 13.21 19.07 -18.11
N VAL A 35 12.35 18.65 -17.18
CA VAL A 35 11.78 19.57 -16.16
C VAL A 35 11.66 18.86 -14.82
N VAL A 36 12.28 19.41 -13.78
CA VAL A 36 12.07 18.96 -12.37
C VAL A 36 11.00 19.85 -11.73
N TYR A 37 9.96 19.24 -11.12
CA TYR A 37 8.89 19.94 -10.37
C TYR A 37 9.09 19.68 -8.89
N CYS A 38 9.05 20.73 -8.06
CA CYS A 38 9.31 20.58 -6.62
C CYS A 38 8.64 21.70 -5.83
N PRO A 39 8.24 21.45 -4.58
CA PRO A 39 7.69 22.52 -3.75
C PRO A 39 8.72 23.67 -3.77
N ARG A 40 8.22 24.90 -3.74
CA ARG A 40 9.06 26.09 -3.97
C ARG A 40 9.71 26.52 -2.65
N HIS A 41 9.28 26.00 -1.50
CA HIS A 41 9.86 26.39 -0.20
C HIS A 41 11.24 25.76 0.02
N VAL A 42 11.76 25.01 -0.95
CA VAL A 42 13.18 24.55 -0.97
C VAL A 42 14.11 25.77 -0.99
N ILE A 43 13.63 26.92 -1.50
CA ILE A 43 14.38 28.20 -1.57
C ILE A 43 14.27 29.00 -0.25
N CYS A 44 13.70 28.41 0.80
CA CYS A 44 13.64 29.00 2.15
C CYS A 44 14.78 28.46 3.03
N THR A 45 14.95 29.12 4.18
CA THR A 45 15.85 28.78 5.30
C THR A 45 15.01 28.73 6.58
N SER A 46 15.53 28.05 7.60
CA SER A 46 14.88 27.88 8.93
C SER A 46 14.50 29.25 9.51
N GLU A 47 15.35 30.28 9.28
CA GLU A 47 15.16 31.66 9.80
C GLU A 47 14.01 32.36 9.06
N ASP A 48 13.46 31.73 8.01
CA ASP A 48 12.82 32.41 6.85
C ASP A 48 11.45 31.81 6.55
N MET A 49 10.82 31.16 7.51
CA MET A 49 9.63 30.30 7.28
C MET A 49 8.33 31.06 7.59
N LEU A 50 8.36 32.03 8.51
CA LEU A 50 7.11 32.60 9.08
C LEU A 50 6.34 33.35 7.99
N ASN A 51 7.00 34.33 7.37
CA ASN A 51 6.40 35.21 6.33
C ASN A 51 7.44 35.35 5.22
N PRO A 52 7.51 34.39 4.27
CA PRO A 52 8.52 34.41 3.22
C PRO A 52 7.95 35.04 1.95
N ASN A 53 8.79 35.82 1.26
CA ASN A 53 8.56 36.42 -0.06
C ASN A 53 9.34 35.58 -1.08
N TYR A 54 8.66 34.60 -1.67
CA TYR A 54 9.20 33.60 -2.62
C TYR A 54 9.72 34.29 -3.88
N GLU A 55 9.19 35.48 -4.22
CA GLU A 55 9.49 36.20 -5.49
C GLU A 55 10.81 36.97 -5.31
N ASP A 56 11.06 37.51 -4.12
CA ASP A 56 12.37 38.14 -3.79
C ASP A 56 13.41 37.04 -3.59
N LEU A 57 13.07 36.03 -2.76
CA LEU A 57 13.96 34.88 -2.46
C LEU A 57 14.39 34.24 -3.79
N LEU A 58 13.47 34.09 -4.74
CA LEU A 58 13.75 33.45 -6.05
C LEU A 58 14.71 34.33 -6.86
N ILE A 59 14.41 35.64 -6.95
CA ILE A 59 15.23 36.66 -7.69
C ILE A 59 16.70 36.56 -7.26
N ARG A 60 16.98 36.40 -5.95
CA ARG A 60 18.35 36.33 -5.37
C ARG A 60 19.17 35.12 -5.89
N LYS A 61 18.50 34.10 -6.45
CA LYS A 61 19.07 32.75 -6.77
C LYS A 61 19.33 32.58 -8.27
N SER A 62 20.36 31.83 -8.64
CA SER A 62 20.68 31.44 -10.04
C SER A 62 20.50 29.93 -10.26
N ASN A 63 20.49 29.49 -11.53
CA ASN A 63 20.39 28.07 -11.90
C ASN A 63 21.29 27.27 -10.96
N HIS A 64 22.54 27.69 -10.85
CA HIS A 64 23.60 26.96 -10.11
C HIS A 64 23.31 26.85 -8.61
N ASN A 65 22.22 27.40 -8.05
CA ASN A 65 21.91 27.26 -6.59
C ASN A 65 20.91 26.13 -6.37
N PHE A 66 20.45 25.53 -7.47
CA PHE A 66 19.53 24.37 -7.47
C PHE A 66 20.36 23.13 -7.77
N LEU A 67 20.59 22.31 -6.74
CA LEU A 67 21.28 21.01 -6.88
C LEU A 67 20.26 19.87 -7.03
N VAL A 68 20.32 19.13 -8.12
CA VAL A 68 19.41 17.97 -8.37
C VAL A 68 20.25 16.71 -8.47
N GLN A 69 20.15 15.82 -7.49
CA GLN A 69 20.75 14.46 -7.57
C GLN A 69 19.63 13.48 -8.00
N ALA A 70 19.82 12.83 -9.15
CA ALA A 70 18.95 11.78 -9.72
C ALA A 70 19.77 10.50 -9.72
N GLY A 71 19.78 9.78 -8.61
CA GLY A 71 20.77 8.72 -8.35
C GLY A 71 22.12 9.35 -8.08
N ASN A 72 23.20 8.76 -8.59
CA ASN A 72 24.52 9.45 -8.62
C ASN A 72 24.35 10.72 -9.46
N VAL A 73 24.02 10.55 -10.75
CA VAL A 73 23.96 11.65 -11.78
C VAL A 73 23.47 12.94 -11.11
N GLN A 74 24.36 13.93 -10.95
CA GLN A 74 23.97 15.34 -10.71
C GLN A 74 23.42 15.88 -12.05
N LEU A 75 22.14 16.28 -12.09
CA LEU A 75 21.57 16.98 -13.26
C LEU A 75 21.97 18.45 -13.16
N ARG A 76 22.54 18.97 -14.25
CA ARG A 76 22.83 20.41 -14.36
C ARG A 76 21.52 21.09 -14.73
N VAL A 77 21.08 22.02 -13.87
CA VAL A 77 19.90 22.91 -14.02
C VAL A 77 20.25 24.01 -15.02
N ILE A 78 19.46 24.23 -16.06
CA ILE A 78 19.80 25.23 -17.10
C ILE A 78 18.67 26.25 -17.25
N GLY A 79 17.77 26.33 -16.27
CA GLY A 79 16.61 27.23 -16.33
C GLY A 79 15.70 27.03 -15.11
N HIS A 80 15.06 28.11 -14.68
CA HIS A 80 14.23 28.12 -13.44
C HIS A 80 13.08 29.12 -13.64
N SER A 81 11.93 28.82 -13.05
CA SER A 81 10.67 29.60 -13.11
C SER A 81 9.73 29.09 -12.02
N MET A 82 8.77 29.89 -11.57
CA MET A 82 7.83 29.53 -10.47
C MET A 82 6.38 29.70 -10.92
N GLN A 83 5.61 28.62 -10.83
CA GLN A 83 4.17 28.55 -11.14
C GLN A 83 3.43 28.25 -9.84
N ASN A 84 2.82 29.26 -9.26
CA ASN A 84 2.06 29.20 -7.99
C ASN A 84 3.07 28.71 -6.93
N CYS A 85 2.79 27.58 -6.27
CA CYS A 85 3.66 27.02 -5.20
C CYS A 85 4.70 25.99 -5.69
N VAL A 86 4.93 25.75 -6.99
CA VAL A 86 5.99 24.78 -7.42
C VAL A 86 7.04 25.51 -8.26
N LEU A 87 8.31 25.17 -8.05
CA LEU A 87 9.42 25.51 -8.98
C LEU A 87 9.39 24.61 -10.21
N LYS A 88 9.88 25.13 -11.33
CA LYS A 88 10.18 24.37 -12.56
C LYS A 88 11.68 24.57 -12.86
N LEU A 89 12.45 23.49 -12.90
CA LEU A 89 13.91 23.53 -13.16
C LEU A 89 14.16 22.85 -14.49
N LYS A 90 14.43 23.63 -15.54
CA LYS A 90 14.85 23.05 -16.85
C LYS A 90 16.24 22.44 -16.62
N VAL A 91 16.50 21.29 -17.24
CA VAL A 91 17.77 20.54 -17.03
C VAL A 91 18.30 20.09 -18.40
N ASP A 92 19.57 19.65 -18.42
CA ASP A 92 20.30 19.30 -19.66
C ASP A 92 19.73 17.99 -20.21
N THR A 93 19.50 16.98 -19.36
CA THR A 93 18.95 15.66 -19.77
C THR A 93 17.46 15.52 -19.47
N ALA A 94 16.69 15.20 -20.53
CA ALA A 94 15.33 14.60 -20.46
C ALA A 94 15.40 13.25 -19.72
N ASN A 95 14.42 12.96 -18.86
CA ASN A 95 14.37 11.67 -18.12
C ASN A 95 14.06 10.52 -19.09
N PRO A 96 15.03 9.59 -19.30
CA PRO A 96 14.83 8.46 -20.22
C PRO A 96 13.78 7.43 -19.74
N LYS A 97 13.48 7.44 -18.44
CA LYS A 97 12.45 6.58 -17.80
C LYS A 97 11.12 7.35 -17.63
N THR A 98 10.94 8.47 -18.35
CA THR A 98 9.69 9.28 -18.36
C THR A 98 8.55 8.43 -18.89
N PRO A 99 7.49 8.15 -18.12
CA PRO A 99 6.32 7.48 -18.67
C PRO A 99 5.33 8.43 -19.34
N LYS A 100 4.34 7.90 -20.06
CA LYS A 100 3.16 8.68 -20.52
C LYS A 100 2.64 9.31 -19.23
N TYR A 101 2.17 10.56 -19.28
CA TYR A 101 1.75 11.31 -18.06
C TYR A 101 0.94 12.55 -18.43
N LYS A 102 0.11 13.00 -17.49
CA LYS A 102 -0.51 14.34 -17.52
C LYS A 102 -0.89 14.72 -16.10
N PHE A 103 -0.90 16.01 -15.83
CA PHE A 103 -1.28 16.59 -14.51
C PHE A 103 -2.81 16.67 -14.52
N VAL A 104 -3.44 16.45 -13.37
CA VAL A 104 -4.90 16.65 -13.20
C VAL A 104 -5.12 17.09 -11.76
N ARG A 105 -6.14 17.92 -11.54
CA ARG A 105 -6.55 18.40 -10.19
C ARG A 105 -7.76 17.55 -9.79
N ILE A 106 -7.57 16.62 -8.87
CA ILE A 106 -8.64 15.66 -8.50
C ILE A 106 -9.63 16.38 -7.58
N GLN A 107 -10.86 15.87 -7.51
CA GLN A 107 -11.98 16.37 -6.67
C GLN A 107 -11.89 15.77 -5.28
N PRO A 108 -12.48 16.38 -4.25
CA PRO A 108 -12.54 15.73 -2.95
C PRO A 108 -13.40 14.48 -3.14
N GLY A 109 -13.13 13.43 -2.35
CA GLY A 109 -13.73 12.11 -2.56
C GLY A 109 -12.77 11.19 -3.28
N GLN A 110 -12.20 11.64 -4.42
CA GLN A 110 -11.31 10.80 -5.28
C GLN A 110 -10.11 10.31 -4.49
N THR A 111 -9.53 9.16 -4.89
CA THR A 111 -8.33 8.55 -4.28
C THR A 111 -7.20 8.49 -5.30
N PHE A 112 -5.97 8.54 -4.79
CA PHE A 112 -4.70 8.37 -5.54
C PHE A 112 -3.75 7.58 -4.65
N SER A 113 -2.67 7.06 -5.26
CA SER A 113 -1.56 6.35 -4.57
C SER A 113 -0.48 7.38 -4.24
N VAL A 114 0.00 7.39 -3.00
CA VAL A 114 1.09 8.29 -2.52
C VAL A 114 2.40 7.50 -2.52
N LEU A 115 3.42 7.97 -3.25
CA LEU A 115 4.82 7.47 -3.13
C LEU A 115 5.59 8.40 -2.20
N ALA A 116 5.48 8.16 -0.89
CA ALA A 116 6.38 8.70 0.14
C ALA A 116 7.85 8.55 -0.32
N CYS A 117 8.53 9.68 -0.59
CA CYS A 117 10.00 9.74 -0.84
C CYS A 117 10.75 10.56 0.23
N TYR A 118 12.04 10.31 0.41
CA TYR A 118 12.98 11.10 1.26
C TYR A 118 14.33 11.19 0.53
N ASN A 119 14.93 12.37 0.41
CA ASN A 119 16.18 12.55 -0.37
C ASN A 119 16.07 11.94 -1.78
N GLY A 120 14.87 11.91 -2.39
CA GLY A 120 14.63 11.49 -3.79
C GLY A 120 14.49 9.97 -3.94
N SER A 121 14.46 9.25 -2.81
CA SER A 121 14.33 7.78 -2.71
C SER A 121 12.91 7.39 -2.32
N PRO A 122 12.21 6.66 -3.19
CA PRO A 122 10.90 6.09 -2.83
C PRO A 122 11.05 5.27 -1.56
N SER A 123 10.23 5.48 -0.54
CA SER A 123 10.33 4.77 0.77
C SER A 123 9.14 3.81 0.96
N GLY A 124 7.95 4.22 0.55
CA GLY A 124 6.71 3.44 0.74
C GLY A 124 5.59 3.95 -0.15
N VAL A 125 4.58 3.13 -0.38
CA VAL A 125 3.39 3.54 -1.18
C VAL A 125 2.15 3.20 -0.36
N TYR A 126 1.21 4.14 -0.26
CA TYR A 126 -0.16 3.88 0.27
C TYR A 126 -1.23 4.64 -0.51
N GLN A 127 -2.50 4.30 -0.19
CA GLN A 127 -3.70 4.77 -0.92
C GLN A 127 -4.30 5.92 -0.12
N CYS A 128 -4.57 7.06 -0.75
CA CYS A 128 -5.16 8.24 -0.07
C CYS A 128 -6.44 8.72 -0.76
N ALA A 129 -7.42 9.15 0.06
CA ALA A 129 -8.53 10.01 -0.39
C ALA A 129 -8.16 11.47 -0.12
N MET A 130 -8.40 12.32 -1.12
CA MET A 130 -8.68 13.77 -0.92
C MET A 130 -10.00 13.94 -0.14
N ARG A 131 -9.90 14.23 1.16
CA ARG A 131 -11.05 14.49 2.09
C ARG A 131 -11.82 15.73 1.64
N PRO A 132 -13.05 15.94 2.14
CA PRO A 132 -13.86 17.12 1.80
C PRO A 132 -13.19 18.46 2.13
N ASN A 133 -12.58 18.53 3.33
CA ASN A 133 -11.90 19.75 3.84
C ASN A 133 -10.59 19.96 3.09
N PHE A 134 -10.36 19.24 2.00
CA PHE A 134 -9.17 19.37 1.11
C PHE A 134 -7.87 19.08 1.89
N THR A 135 -7.91 18.15 2.86
CA THR A 135 -6.70 17.49 3.46
C THR A 135 -6.62 16.02 3.01
N ILE A 136 -5.50 15.37 3.35
CA ILE A 136 -5.33 13.88 3.28
C ILE A 136 -4.85 13.41 4.65
N LYS A 137 -5.22 12.17 5.00
CA LYS A 137 -4.65 11.42 6.15
C LYS A 137 -3.47 10.63 5.58
N GLY A 138 -2.29 11.23 5.69
CA GLY A 138 -1.02 10.67 5.23
C GLY A 138 -0.19 10.08 6.37
N SER A 139 0.95 9.51 5.99
CA SER A 139 2.16 9.31 6.80
C SER A 139 3.30 10.02 6.07
N PHE A 140 3.81 11.10 6.67
CA PHE A 140 4.81 12.00 6.06
C PHE A 140 5.68 12.60 7.16
N LEU A 141 6.99 12.42 7.10
CA LEU A 141 7.94 13.04 8.07
C LEU A 141 8.69 14.15 7.36
N ASN A 142 9.64 14.78 8.09
CA ASN A 142 10.53 15.82 7.54
C ASN A 142 11.31 15.20 6.40
N GLY A 143 11.39 15.91 5.29
CA GLY A 143 12.10 15.50 4.07
C GLY A 143 11.16 14.94 3.03
N SER A 144 9.86 14.85 3.36
CA SER A 144 8.81 14.17 2.55
C SER A 144 8.18 15.08 1.49
N ALA A 145 8.13 16.40 1.67
CA ALA A 145 7.66 17.37 0.64
C ALA A 145 8.25 17.00 -0.71
N GLY A 146 7.51 17.24 -1.80
CA GLY A 146 7.90 16.86 -3.17
C GLY A 146 7.44 15.44 -3.45
N SER A 147 7.02 14.70 -2.43
CA SER A 147 6.34 13.39 -2.62
C SER A 147 5.05 13.61 -3.43
N VAL A 148 4.78 12.70 -4.38
CA VAL A 148 3.66 12.81 -5.36
C VAL A 148 2.57 11.77 -5.07
N GLY A 149 1.32 12.19 -5.25
CA GLY A 149 0.15 11.30 -5.40
C GLY A 149 -0.24 11.18 -6.88
N PHE A 150 -0.57 9.98 -7.34
CA PHE A 150 -0.87 9.69 -8.76
C PHE A 150 -1.90 8.56 -8.84
N ASN A 151 -2.46 8.41 -10.05
CA ASN A 151 -3.37 7.32 -10.46
C ASN A 151 -2.84 6.83 -11.82
N ILE A 152 -3.06 5.55 -12.15
CA ILE A 152 -2.59 4.96 -13.43
C ILE A 152 -3.79 4.40 -14.20
N ASP A 153 -4.13 5.05 -15.32
CA ASP A 153 -5.28 4.75 -16.21
C ASP A 153 -4.70 4.58 -17.63
N TYR A 154 -4.79 3.39 -18.21
CA TYR A 154 -3.85 2.91 -19.25
C TYR A 154 -2.50 2.77 -18.56
N ASP A 155 -1.38 3.12 -19.24
CA ASP A 155 -0.08 3.42 -18.58
C ASP A 155 0.22 4.91 -18.79
N CYS A 156 -0.85 5.72 -18.84
CA CYS A 156 -0.86 7.18 -18.52
C CYS A 156 -0.83 7.38 -17.00
N VAL A 157 0.32 7.79 -16.46
CA VAL A 157 0.45 8.23 -15.04
C VAL A 157 -0.11 9.66 -14.89
N SER A 158 -1.32 9.78 -14.31
CA SER A 158 -1.99 11.07 -14.00
C SER A 158 -1.59 11.50 -12.59
N PHE A 159 -0.65 12.43 -12.50
CA PHE A 159 -0.18 13.07 -11.23
C PHE A 159 -1.24 14.05 -10.77
N CYS A 160 -1.69 13.93 -9.53
CA CYS A 160 -2.78 14.79 -9.00
C CYS A 160 -2.36 15.47 -7.71
N TYR A 161 -1.24 15.08 -7.13
CA TYR A 161 -0.78 15.61 -5.83
C TYR A 161 0.74 15.72 -5.78
N MET A 162 1.22 16.81 -5.21
CA MET A 162 2.60 16.98 -4.72
C MET A 162 2.44 17.49 -3.29
N HIS A 163 3.27 17.04 -2.36
CA HIS A 163 3.15 17.29 -0.90
C HIS A 163 3.98 18.51 -0.53
N HIS A 164 3.63 19.22 0.53
CA HIS A 164 4.38 20.42 1.01
C HIS A 164 4.51 20.39 2.54
N MET A 165 3.41 20.14 3.27
CA MET A 165 3.32 20.49 4.72
C MET A 165 2.34 19.60 5.48
N GLU A 166 2.53 19.55 6.79
CA GLU A 166 1.59 18.96 7.77
C GLU A 166 0.99 20.07 8.63
N LEU A 167 -0.23 19.83 9.16
CA LEU A 167 -1.05 20.69 10.04
C LEU A 167 -0.98 20.17 11.47
N PRO A 168 -1.38 20.98 12.49
CA PRO A 168 -1.31 20.57 13.89
C PRO A 168 -2.13 19.29 14.19
N THR A 169 -3.16 19.03 13.40
CA THR A 169 -4.14 17.95 13.61
C THR A 169 -3.48 16.58 13.39
N GLY A 170 -2.45 16.50 12.54
CA GLY A 170 -1.84 15.23 12.11
C GLY A 170 -2.15 14.90 10.66
N VAL A 171 -2.62 15.88 9.88
CA VAL A 171 -2.98 15.67 8.45
C VAL A 171 -2.24 16.70 7.61
N HIS A 172 -2.46 16.66 6.29
CA HIS A 172 -1.48 17.06 5.27
C HIS A 172 -2.19 17.84 4.16
N ALA A 173 -1.51 18.86 3.60
CA ALA A 173 -1.95 19.64 2.43
C ALA A 173 -0.81 19.71 1.42
N GLY A 174 -1.18 20.04 0.19
CA GLY A 174 -0.27 20.03 -0.95
C GLY A 174 -0.98 20.62 -2.14
N THR A 175 -0.44 20.44 -3.33
CA THR A 175 -0.89 21.12 -4.54
C THR A 175 -1.13 20.06 -5.62
N ASP A 176 -1.86 20.43 -6.67
CA ASP A 176 -1.73 19.80 -8.02
C ASP A 176 -0.36 20.21 -8.55
N LEU A 177 -0.01 19.70 -9.72
CA LEU A 177 1.33 19.90 -10.29
C LEU A 177 1.39 21.18 -11.11
N GLU A 178 0.43 22.08 -10.91
CA GLU A 178 0.50 23.50 -11.37
C GLU A 178 0.82 24.38 -10.15
N GLY A 179 1.11 23.77 -8.99
CA GLY A 179 1.45 24.50 -7.75
C GLY A 179 0.25 25.12 -7.04
N ASN A 180 -0.97 24.87 -7.52
CA ASN A 180 -2.21 25.33 -6.83
C ASN A 180 -2.54 24.35 -5.69
N PHE A 181 -2.71 24.89 -4.49
CA PHE A 181 -3.08 24.14 -3.27
C PHE A 181 -4.48 23.54 -3.42
N TYR A 182 -4.75 22.48 -2.66
CA TYR A 182 -6.08 21.95 -2.33
C TYR A 182 -6.54 22.65 -1.06
N GLY A 183 -7.73 23.26 -1.10
CA GLY A 183 -8.31 23.99 0.03
C GLY A 183 -7.71 25.39 0.11
N PRO A 184 -7.87 26.10 1.25
CA PRO A 184 -7.37 27.46 1.41
C PRO A 184 -6.07 27.54 2.22
N PHE A 185 -5.02 26.78 1.81
CA PHE A 185 -3.73 26.69 2.55
C PHE A 185 -2.61 27.43 1.78
N VAL A 186 -1.62 27.93 2.53
CA VAL A 186 -0.41 28.61 1.97
C VAL A 186 0.88 28.06 2.62
N ASP A 187 1.98 28.09 1.84
CA ASP A 187 3.30 27.52 2.20
C ASP A 187 4.03 28.47 3.14
N ARG A 188 3.62 28.49 4.42
CA ARG A 188 4.30 29.23 5.51
C ARG A 188 3.79 28.72 6.87
N GLN A 189 4.57 28.94 7.95
CA GLN A 189 4.35 28.30 9.29
C GLN A 189 3.59 29.25 10.23
N THR A 190 2.62 29.99 9.67
CA THR A 190 1.50 30.66 10.37
C THR A 190 0.46 29.62 10.80
N ALA A 191 -0.32 29.91 11.85
CA ALA A 191 -1.43 29.08 12.35
C ALA A 191 -2.50 28.93 11.26
N GLN A 192 -2.47 27.81 10.53
CA GLN A 192 -3.61 27.37 9.69
C GLN A 192 -4.23 26.15 10.36
N ALA A 193 -5.50 25.91 10.03
CA ALA A 193 -6.25 24.72 10.48
C ALA A 193 -7.25 24.31 9.39
N ALA A 194 -7.55 23.03 9.29
CA ALA A 194 -8.44 22.45 8.25
C ALA A 194 -9.90 22.80 8.56
N GLY A 195 -10.74 22.92 7.53
CA GLY A 195 -12.21 22.76 7.69
C GLY A 195 -12.55 21.51 8.51
N THR A 196 -13.76 21.44 9.12
CA THR A 196 -14.27 20.21 9.77
C THR A 196 -14.59 19.21 8.66
N ASP A 197 -14.34 17.94 8.94
CA ASP A 197 -14.36 16.87 7.92
C ASP A 197 -15.79 16.34 7.81
N THR A 198 -16.28 16.21 6.58
CA THR A 198 -17.49 15.44 6.25
C THR A 198 -17.07 13.98 6.06
N THR A 199 -17.96 13.17 5.50
CA THR A 199 -17.69 11.76 5.11
C THR A 199 -18.19 11.60 3.68
N ILE A 200 -17.40 10.94 2.84
CA ILE A 200 -17.70 10.82 1.39
C ILE A 200 -18.78 9.74 1.25
N THR A 201 -19.97 10.16 0.83
CA THR A 201 -21.26 9.42 0.86
C THR A 201 -21.18 8.26 -0.13
N VAL A 202 -20.87 8.59 -1.37
CA VAL A 202 -20.73 7.65 -2.52
C VAL A 202 -19.70 6.55 -2.21
N ASN A 203 -18.65 6.88 -1.46
CA ASN A 203 -17.54 5.95 -1.11
C ASN A 203 -17.97 4.97 -0.02
N VAL A 204 -18.80 5.40 0.93
CA VAL A 204 -19.34 4.47 1.97
C VAL A 204 -20.39 3.59 1.33
N LEU A 205 -21.11 4.10 0.32
CA LEU A 205 -22.03 3.25 -0.47
C LEU A 205 -21.15 2.19 -1.15
N ALA A 206 -20.28 2.65 -2.08
CA ALA A 206 -19.43 1.79 -2.92
C ALA A 206 -18.88 0.63 -2.07
N TRP A 207 -18.38 0.96 -0.88
CA TRP A 207 -17.82 -0.01 0.09
C TRP A 207 -18.90 -0.97 0.59
N LEU A 208 -20.11 -0.48 0.89
CA LEU A 208 -21.20 -1.34 1.40
C LEU A 208 -21.39 -2.49 0.43
N TYR A 209 -21.58 -2.14 -0.84
CA TYR A 209 -21.62 -3.10 -1.97
C TYR A 209 -20.52 -4.15 -1.81
N ALA A 210 -19.27 -3.72 -1.97
CA ALA A 210 -18.03 -4.53 -1.91
C ALA A 210 -18.14 -5.63 -0.84
N ALA A 211 -18.81 -5.36 0.29
CA ALA A 211 -19.08 -6.36 1.36
C ALA A 211 -19.90 -7.53 0.80
N VAL A 212 -21.09 -7.23 0.26
CA VAL A 212 -22.05 -8.21 -0.33
C VAL A 212 -21.26 -9.16 -1.23
N ILE A 213 -20.66 -8.58 -2.29
CA ILE A 213 -19.81 -9.28 -3.32
C ILE A 213 -18.81 -10.24 -2.63
N ASN A 214 -18.35 -9.91 -1.42
CA ASN A 214 -17.65 -10.85 -0.50
C ASN A 214 -18.66 -11.23 0.59
N ASN A 231 -34.45 11.00 1.21
CA ASN A 231 -32.97 10.84 1.07
C ASN A 231 -32.29 12.10 1.62
N LEU A 232 -30.96 12.08 1.75
CA LEU A 232 -30.13 13.26 2.16
C LEU A 232 -30.55 13.71 3.58
N VAL A 233 -30.59 12.72 4.50
CA VAL A 233 -30.50 12.90 5.99
C VAL A 233 -29.02 13.10 6.36
N ALA A 234 -28.18 13.27 5.33
CA ALA A 234 -26.70 13.33 5.35
C ALA A 234 -26.19 14.64 5.98
N MET A 235 -26.90 15.77 5.82
CA MET A 235 -26.59 17.05 6.52
C MET A 235 -26.59 16.80 8.04
N LYS A 236 -27.54 15.98 8.53
CA LYS A 236 -27.66 15.60 9.96
C LYS A 236 -26.37 14.88 10.43
N TYR A 237 -25.83 13.94 9.64
CA TYR A 237 -24.72 13.04 10.08
C TYR A 237 -23.36 13.40 9.45
N ASN A 238 -23.26 14.58 8.82
CA ASN A 238 -22.02 15.12 8.19
C ASN A 238 -21.56 14.20 7.06
N TYR A 239 -22.50 13.67 6.27
CA TYR A 239 -22.20 12.98 4.98
C TYR A 239 -22.41 14.01 3.86
N GLU A 240 -21.40 14.19 3.00
CA GLU A 240 -21.47 15.17 1.88
C GLU A 240 -22.74 14.88 1.09
N PRO A 241 -23.31 15.86 0.35
CA PRO A 241 -24.47 15.61 -0.50
C PRO A 241 -24.22 14.57 -1.62
N LEU A 242 -25.07 13.55 -1.72
CA LEU A 242 -25.06 12.58 -2.87
C LEU A 242 -25.75 13.25 -4.05
N THR A 243 -25.26 12.98 -5.27
CA THR A 243 -25.69 13.63 -6.56
C THR A 243 -26.08 12.58 -7.61
N GLN A 244 -26.68 13.06 -8.71
CA GLN A 244 -27.20 12.25 -9.86
C GLN A 244 -26.04 11.56 -10.59
N ASP A 245 -24.97 12.28 -10.89
CA ASP A 245 -23.74 11.76 -11.55
C ASP A 245 -23.07 10.71 -10.66
N HIS A 246 -23.36 10.69 -9.35
CA HIS A 246 -22.86 9.69 -8.37
C HIS A 246 -23.66 8.38 -8.49
N VAL A 247 -25.00 8.46 -8.71
CA VAL A 247 -25.91 7.27 -8.80
C VAL A 247 -25.86 6.70 -10.22
N ASP A 248 -25.26 7.44 -11.16
CA ASP A 248 -25.00 7.00 -12.57
C ASP A 248 -23.65 6.29 -12.64
N ILE A 249 -22.70 6.72 -11.81
CA ILE A 249 -21.37 6.08 -11.58
C ILE A 249 -21.57 4.79 -10.76
N LEU A 250 -22.26 4.88 -9.62
CA LEU A 250 -22.60 3.73 -8.74
C LEU A 250 -23.42 2.68 -9.52
N GLY A 251 -24.08 3.09 -10.60
CA GLY A 251 -24.92 2.23 -11.48
C GLY A 251 -24.34 0.82 -11.63
N PRO A 252 -23.21 0.64 -12.34
CA PRO A 252 -22.59 -0.67 -12.50
C PRO A 252 -22.60 -1.55 -11.24
N LEU A 253 -22.37 -0.95 -10.06
CA LEU A 253 -22.27 -1.66 -8.74
C LEU A 253 -23.64 -2.05 -8.16
N SER A 254 -24.73 -1.36 -8.51
CA SER A 254 -26.11 -1.68 -8.08
C SER A 254 -26.69 -2.79 -8.98
N ALA A 255 -26.27 -2.79 -10.25
CA ALA A 255 -26.59 -3.82 -11.27
C ALA A 255 -25.97 -5.14 -10.83
N GLN A 256 -24.68 -5.12 -10.47
CA GLN A 256 -23.88 -6.33 -10.12
C GLN A 256 -24.48 -7.03 -8.90
N THR A 257 -25.00 -6.27 -7.93
CA THR A 257 -25.59 -6.80 -6.68
C THR A 257 -27.10 -7.08 -6.85
N GLY A 258 -27.76 -6.42 -7.81
CA GLY A 258 -29.22 -6.46 -7.96
C GLY A 258 -29.92 -5.47 -7.03
N ILE A 259 -29.22 -5.08 -5.97
CA ILE A 259 -29.59 -4.01 -4.99
C ILE A 259 -29.40 -2.64 -5.65
N ALA A 260 -30.51 -2.01 -6.07
CA ALA A 260 -30.49 -0.71 -6.82
C ALA A 260 -29.83 0.36 -5.95
N VAL A 261 -29.45 1.49 -6.57
CA VAL A 261 -28.63 2.56 -5.92
C VAL A 261 -29.42 3.05 -4.70
N LEU A 262 -30.64 3.53 -4.94
CA LEU A 262 -31.64 3.96 -3.90
C LEU A 262 -31.89 2.82 -2.91
N ASP A 263 -32.04 1.58 -3.42
CA ASP A 263 -32.18 0.34 -2.61
C ASP A 263 -31.06 0.35 -1.57
N MET A 264 -29.80 0.44 -2.02
CA MET A 264 -28.62 0.43 -1.12
C MET A 264 -28.65 1.67 -0.23
N CYS A 265 -29.08 2.79 -0.80
CA CYS A 265 -29.17 4.10 -0.09
C CYS A 265 -30.07 3.96 1.14
N ALA A 266 -31.08 3.07 1.06
CA ALA A 266 -32.01 2.69 2.14
C ALA A 266 -31.23 2.20 3.36
N SER A 267 -30.53 1.07 3.24
CA SER A 267 -29.75 0.39 4.32
C SER A 267 -28.94 1.41 5.13
N LEU A 268 -28.62 2.55 4.52
CA LEU A 268 -27.77 3.64 5.08
C LEU A 268 -28.28 4.11 6.45
N LYS A 269 -29.59 4.06 6.72
CA LYS A 269 -30.18 4.78 7.87
C LYS A 269 -30.11 3.93 9.15
N GLU A 270 -30.57 2.66 9.12
CA GLU A 270 -30.55 1.78 10.34
C GLU A 270 -29.08 1.51 10.71
N LEU A 271 -28.14 1.95 9.86
CA LEU A 271 -26.68 1.84 10.07
C LEU A 271 -26.18 2.99 10.96
N LEU A 272 -26.45 4.25 10.56
CA LEU A 272 -26.04 5.48 11.30
C LEU A 272 -26.85 5.65 12.60
N GLN A 273 -27.72 4.68 12.93
CA GLN A 273 -28.39 4.52 14.25
C GLN A 273 -27.52 3.68 15.19
N ASN A 274 -27.40 2.37 14.91
CA ASN A 274 -26.80 1.37 15.84
C ASN A 274 -25.92 0.34 15.11
N GLY A 275 -25.46 0.65 13.89
CA GLY A 275 -24.60 -0.23 13.06
C GLY A 275 -23.88 -1.30 13.88
N ARG A 279 -19.32 -8.07 14.35
CA ARG A 279 -19.13 -6.61 14.61
C ARG A 279 -18.53 -5.94 13.38
N THR A 280 -17.67 -6.66 12.65
CA THR A 280 -16.89 -6.22 11.46
C THR A 280 -17.76 -6.26 10.18
N ILE A 281 -17.47 -5.36 9.24
CA ILE A 281 -17.83 -5.46 7.79
C ILE A 281 -16.52 -5.30 7.00
N LEU A 282 -16.13 -6.32 6.22
CA LEU A 282 -14.83 -6.39 5.50
C LEU A 282 -13.70 -6.07 6.48
N GLY A 283 -13.89 -6.35 7.77
CA GLY A 283 -12.87 -6.11 8.83
C GLY A 283 -13.19 -4.89 9.68
N SER A 284 -13.87 -3.89 9.11
CA SER A 284 -14.12 -2.55 9.72
C SER A 284 -15.48 -2.51 10.46
N ALA A 285 -15.52 -1.84 11.62
CA ALA A 285 -16.74 -1.58 12.43
C ALA A 285 -17.15 -0.10 12.27
N LEU A 286 -16.54 0.60 11.31
CA LEU A 286 -17.00 1.92 10.84
C LEU A 286 -17.25 1.83 9.35
N LEU A 287 -18.19 2.63 8.86
CA LEU A 287 -18.34 2.88 7.41
C LEU A 287 -17.00 3.49 6.94
N GLU A 288 -16.38 2.84 5.94
CA GLU A 288 -15.10 3.22 5.27
C GLU A 288 -15.44 4.03 4.01
N ASP A 289 -14.86 5.22 3.87
CA ASP A 289 -15.15 6.18 2.77
C ASP A 289 -13.89 6.51 1.97
N GLU A 290 -12.79 5.78 2.18
CA GLU A 290 -11.47 6.03 1.53
C GLU A 290 -11.35 5.18 0.24
N PHE A 291 -12.43 4.46 -0.14
CA PHE A 291 -12.58 3.65 -1.39
C PHE A 291 -13.65 4.24 -2.31
N THR A 292 -13.26 4.66 -3.51
CA THR A 292 -14.17 5.14 -4.59
C THR A 292 -14.81 3.93 -5.25
N PRO A 293 -15.99 4.08 -5.91
CA PRO A 293 -16.63 2.96 -6.57
C PRO A 293 -15.75 2.34 -7.66
N PHE A 294 -15.04 3.15 -8.47
CA PHE A 294 -14.01 2.68 -9.43
C PHE A 294 -13.03 1.76 -8.68
N ASP A 295 -12.59 2.14 -7.45
CA ASP A 295 -11.64 1.35 -6.60
C ASP A 295 -12.26 0.01 -6.20
N VAL A 296 -13.60 -0.09 -6.14
CA VAL A 296 -14.35 -1.35 -5.84
C VAL A 296 -14.42 -2.16 -7.13
N VAL A 297 -14.92 -1.56 -8.21
CA VAL A 297 -15.05 -2.21 -9.54
C VAL A 297 -13.72 -2.88 -9.88
N ARG A 298 -12.62 -2.13 -9.80
CA ARG A 298 -11.26 -2.62 -10.16
C ARG A 298 -11.05 -3.94 -9.42
N GLN A 299 -11.09 -3.87 -8.09
CA GLN A 299 -10.71 -4.98 -7.19
C GLN A 299 -11.71 -6.15 -7.29
N CYS A 300 -13.03 -5.88 -7.31
CA CYS A 300 -14.11 -6.85 -6.96
C CYS A 300 -14.50 -7.73 -8.17
N SER A 301 -15.10 -7.16 -9.21
CA SER A 301 -15.49 -7.91 -10.44
C SER A 301 -14.50 -7.63 -11.58
N GLY A 302 -13.50 -6.77 -11.35
CA GLY A 302 -12.62 -6.18 -12.39
C GLY A 302 -11.30 -6.93 -12.48
N SER B 1 4.31 13.03 10.65
CA SER B 1 3.19 12.48 11.46
C SER B 1 2.26 11.63 10.59
N GLY B 2 1.46 10.76 11.22
CA GLY B 2 0.53 9.83 10.55
C GLY B 2 0.96 8.39 10.73
N PHE B 3 0.02 7.47 10.55
CA PHE B 3 0.25 6.01 10.52
C PHE B 3 -0.73 5.41 9.49
N ARG B 4 -0.21 4.62 8.56
CA ARG B 4 -0.95 4.18 7.35
C ARG B 4 -0.43 2.81 6.92
N LYS B 5 -1.29 1.94 6.39
CA LYS B 5 -0.86 0.62 5.86
C LYS B 5 -0.02 0.92 4.62
N MET B 6 1.29 0.71 4.70
CA MET B 6 2.27 1.25 3.73
C MET B 6 3.09 0.12 3.10
N ALA B 7 2.97 -0.03 1.78
CA ALA B 7 3.69 -1.06 1.00
C ALA B 7 5.07 -0.54 0.64
N PHE B 8 6.01 -1.47 0.43
CA PHE B 8 7.32 -1.20 -0.18
C PHE B 8 7.07 -0.71 -1.60
N PRO B 9 7.83 0.28 -2.13
CA PRO B 9 7.74 0.60 -3.56
C PRO B 9 7.97 -0.69 -4.36
N SER B 10 7.26 -0.87 -5.46
CA SER B 10 7.16 -2.17 -6.15
C SER B 10 8.01 -2.20 -7.41
N GLY B 11 8.57 -1.06 -7.85
CA GLY B 11 9.41 -0.97 -9.06
C GLY B 11 10.28 -2.20 -9.29
N LYS B 12 11.17 -2.51 -8.35
CA LYS B 12 12.21 -3.55 -8.55
C LYS B 12 11.56 -4.89 -8.91
N VAL B 13 10.47 -5.25 -8.23
CA VAL B 13 9.67 -6.51 -8.42
C VAL B 13 8.94 -6.44 -9.77
N GLU B 14 8.32 -5.31 -10.09
CA GLU B 14 7.61 -5.02 -11.37
C GLU B 14 8.48 -5.41 -12.56
N GLY B 15 9.79 -5.16 -12.51
CA GLY B 15 10.77 -5.44 -13.59
C GLY B 15 11.10 -6.93 -13.73
N CYS B 16 10.51 -7.79 -12.90
CA CYS B 16 10.71 -9.27 -12.87
C CYS B 16 9.43 -10.08 -13.12
N MET B 17 8.29 -9.44 -13.35
CA MET B 17 6.99 -10.14 -13.49
C MET B 17 6.79 -10.53 -14.95
N VAL B 18 6.70 -11.82 -15.25
CA VAL B 18 6.42 -12.32 -16.63
C VAL B 18 5.15 -13.17 -16.56
N GLN B 19 4.48 -13.43 -17.67
CA GLN B 19 3.43 -14.49 -17.64
C GLN B 19 4.01 -15.79 -18.18
N VAL B 20 3.56 -16.92 -17.62
CA VAL B 20 3.89 -18.30 -18.04
C VAL B 20 2.60 -18.96 -18.54
N THR B 21 2.61 -19.41 -19.80
CA THR B 21 1.51 -20.16 -20.46
C THR B 21 2.00 -21.58 -20.74
N CYS B 22 1.13 -22.55 -20.46
CA CYS B 22 1.34 -24.00 -20.70
C CYS B 22 -0.02 -24.64 -21.03
N GLY B 23 -0.24 -25.07 -22.27
CA GLY B 23 -1.60 -25.41 -22.73
C GLY B 23 -2.44 -24.14 -22.80
N THR B 24 -3.70 -24.17 -22.33
CA THR B 24 -4.55 -22.97 -22.15
C THR B 24 -4.56 -22.53 -20.69
N THR B 25 -3.61 -23.02 -19.87
CA THR B 25 -3.41 -22.58 -18.46
C THR B 25 -2.37 -21.45 -18.42
N THR B 26 -2.69 -20.33 -17.79
CA THR B 26 -1.78 -19.15 -17.66
C THR B 26 -1.81 -18.62 -16.23
N LEU B 27 -0.61 -18.26 -15.74
CA LEU B 27 -0.41 -17.49 -14.50
C LEU B 27 0.87 -16.65 -14.59
N ASN B 28 1.19 -15.93 -13.52
CA ASN B 28 2.36 -15.02 -13.45
C ASN B 28 3.59 -15.81 -12.99
N GLY B 29 4.78 -15.39 -13.40
CA GLY B 29 6.06 -15.99 -12.96
C GLY B 29 7.07 -14.93 -12.61
N LEU B 30 8.09 -15.31 -11.86
CA LEU B 30 9.09 -14.38 -11.27
C LEU B 30 10.40 -14.56 -12.03
N TRP B 31 10.78 -13.58 -12.87
CA TRP B 31 11.99 -13.63 -13.74
C TRP B 31 13.17 -12.97 -13.02
N LEU B 32 14.00 -13.80 -12.36
CA LEU B 32 15.26 -13.39 -11.69
C LEU B 32 16.44 -14.11 -12.34
N ASP B 33 17.46 -13.36 -12.71
CA ASP B 33 18.60 -13.86 -13.50
C ASP B 33 17.98 -14.60 -14.70
N ASP B 34 18.46 -15.81 -14.98
CA ASP B 34 18.05 -16.60 -16.16
C ASP B 34 17.08 -17.71 -15.70
N VAL B 35 16.35 -17.45 -14.63
CA VAL B 35 15.29 -18.38 -14.13
C VAL B 35 13.99 -17.60 -13.92
N VAL B 36 12.90 -18.15 -14.46
CA VAL B 36 11.52 -17.77 -14.06
C VAL B 36 11.04 -18.75 -12.99
N TYR B 37 10.45 -18.25 -11.92
CA TYR B 37 9.78 -19.07 -10.87
C TYR B 37 8.27 -18.89 -11.02
N CYS B 38 7.52 -19.97 -11.04
CA CYS B 38 6.04 -19.89 -11.06
C CYS B 38 5.46 -21.08 -10.32
N PRO B 39 4.15 -21.01 -9.95
CA PRO B 39 3.43 -22.13 -9.33
C PRO B 39 3.27 -23.25 -10.36
N ARG B 40 3.39 -24.50 -9.93
CA ARG B 40 3.54 -25.70 -10.81
C ARG B 40 2.21 -26.09 -11.46
N HIS B 41 1.08 -25.77 -10.82
CA HIS B 41 -0.27 -26.13 -11.31
C HIS B 41 -0.59 -25.41 -12.63
N VAL B 42 0.35 -24.63 -13.17
CA VAL B 42 0.27 -24.12 -14.56
C VAL B 42 0.32 -25.29 -15.52
N ILE B 43 0.96 -26.41 -15.15
CA ILE B 43 1.09 -27.55 -16.08
C ILE B 43 -0.24 -28.32 -16.09
N CYS B 44 -1.12 -28.07 -15.11
CA CYS B 44 -2.49 -28.68 -15.00
C CYS B 44 -3.44 -28.10 -16.06
N THR B 45 -4.29 -28.98 -16.62
CA THR B 45 -5.58 -28.62 -17.26
C THR B 45 -6.65 -28.53 -16.16
N SER B 46 -7.79 -27.95 -16.53
CA SER B 46 -9.04 -27.89 -15.73
C SER B 46 -9.47 -29.31 -15.38
N GLU B 47 -9.29 -30.26 -16.31
CA GLU B 47 -9.78 -31.66 -16.22
C GLU B 47 -8.93 -32.48 -15.23
N ASP B 48 -7.75 -32.01 -14.80
CA ASP B 48 -6.81 -32.86 -14.01
C ASP B 48 -6.23 -32.04 -12.84
N MET B 49 -7.11 -31.39 -12.07
CA MET B 49 -6.72 -30.63 -10.85
C MET B 49 -7.52 -31.09 -9.62
N LEU B 50 -8.43 -32.06 -9.76
CA LEU B 50 -9.15 -32.63 -8.60
C LEU B 50 -8.20 -33.56 -7.85
N ASN B 51 -7.29 -34.22 -8.58
CA ASN B 51 -6.34 -35.20 -8.01
C ASN B 51 -5.16 -35.40 -8.96
N PRO B 52 -4.22 -34.42 -9.06
CA PRO B 52 -3.07 -34.52 -9.95
C PRO B 52 -1.80 -35.16 -9.36
N ASN B 53 -1.00 -35.76 -10.25
CA ASN B 53 0.40 -36.17 -9.99
C ASN B 53 1.32 -35.23 -10.77
N TYR B 54 2.04 -34.35 -10.08
CA TYR B 54 2.85 -33.29 -10.73
C TYR B 54 4.13 -33.92 -11.28
N GLU B 55 4.73 -34.91 -10.58
CA GLU B 55 6.09 -35.42 -10.95
C GLU B 55 6.05 -36.03 -12.36
N ASP B 56 4.89 -36.49 -12.82
CA ASP B 56 4.76 -37.03 -14.21
C ASP B 56 4.20 -35.93 -15.11
N LEU B 57 3.21 -35.16 -14.65
CA LEU B 57 2.65 -34.04 -15.45
C LEU B 57 3.82 -33.22 -16.02
N LEU B 58 4.98 -33.27 -15.36
CA LEU B 58 6.21 -32.53 -15.76
C LEU B 58 7.06 -33.35 -16.76
N ILE B 59 7.13 -34.65 -16.53
CA ILE B 59 7.85 -35.60 -17.44
C ILE B 59 7.10 -35.68 -18.76
N ARG B 60 5.78 -35.52 -18.73
CA ARG B 60 4.89 -35.44 -19.92
C ARG B 60 5.13 -34.15 -20.70
N LYS B 61 5.97 -33.23 -20.20
CA LYS B 61 6.13 -31.83 -20.71
C LYS B 61 7.57 -31.56 -21.15
N SER B 62 7.70 -30.62 -22.09
CA SER B 62 8.92 -30.26 -22.88
C SER B 62 9.22 -28.77 -22.68
N ASN B 63 10.49 -28.37 -22.78
CA ASN B 63 10.87 -26.94 -22.87
C ASN B 63 9.90 -26.22 -23.82
N HIS B 64 9.71 -26.66 -25.07
CA HIS B 64 8.91 -25.91 -26.07
C HIS B 64 7.48 -25.73 -25.57
N ASN B 65 6.99 -26.58 -24.66
CA ASN B 65 5.57 -26.49 -24.17
C ASN B 65 5.39 -25.23 -23.34
N PHE B 66 6.49 -24.67 -22.83
CA PHE B 66 6.52 -23.50 -21.91
C PHE B 66 6.69 -22.22 -22.71
N LEU B 67 5.70 -21.34 -22.60
CA LEU B 67 5.73 -19.97 -23.18
C LEU B 67 5.90 -18.98 -22.04
N VAL B 68 6.87 -18.11 -22.18
CA VAL B 68 7.18 -17.00 -21.24
C VAL B 68 7.26 -15.73 -22.09
N GLN B 69 6.28 -14.83 -21.94
CA GLN B 69 6.31 -13.47 -22.53
C GLN B 69 6.75 -12.49 -21.44
N ALA B 70 7.78 -11.69 -21.74
CA ALA B 70 8.32 -10.56 -20.93
C ALA B 70 8.00 -9.28 -21.67
N GLY B 71 6.84 -8.68 -21.38
CA GLY B 71 6.19 -7.71 -22.27
C GLY B 71 6.26 -8.20 -23.70
N ASN B 72 6.78 -7.38 -24.60
CA ASN B 72 6.78 -7.64 -26.06
C ASN B 72 7.47 -8.98 -26.33
N VAL B 73 8.63 -9.20 -25.70
CA VAL B 73 9.60 -10.29 -26.00
C VAL B 73 9.06 -11.64 -25.50
N GLN B 74 9.34 -12.72 -26.25
CA GLN B 74 9.20 -14.14 -25.83
C GLN B 74 10.57 -14.59 -25.30
N LEU B 75 10.62 -15.52 -24.34
CA LEU B 75 11.89 -15.98 -23.71
C LEU B 75 12.01 -17.48 -23.97
N ARG B 76 13.17 -17.94 -24.45
CA ARG B 76 13.33 -19.35 -24.88
C ARG B 76 13.61 -20.19 -23.65
N VAL B 77 12.77 -21.20 -23.41
CA VAL B 77 12.92 -22.14 -22.26
C VAL B 77 13.90 -23.22 -22.69
N ILE B 78 15.07 -23.23 -22.04
CA ILE B 78 16.23 -24.10 -22.35
C ILE B 78 16.43 -25.10 -21.22
N GLY B 79 15.46 -25.20 -20.32
CA GLY B 79 15.56 -26.04 -19.11
C GLY B 79 14.37 -25.86 -18.19
N HIS B 80 13.97 -26.90 -17.50
CA HIS B 80 12.91 -26.87 -16.47
C HIS B 80 13.27 -27.87 -15.38
N SER B 81 12.95 -27.54 -14.14
CA SER B 81 13.08 -28.41 -12.94
C SER B 81 11.84 -28.16 -12.09
N MET B 82 11.46 -29.06 -11.19
CA MET B 82 10.43 -28.80 -10.15
C MET B 82 11.11 -28.94 -8.79
N GLN B 83 10.78 -28.05 -7.85
CA GLN B 83 11.27 -28.05 -6.46
C GLN B 83 10.09 -27.74 -5.56
N ASN B 84 9.61 -28.75 -4.83
CA ASN B 84 8.30 -28.68 -4.11
C ASN B 84 7.22 -28.22 -5.10
N CYS B 85 6.44 -27.20 -4.75
CA CYS B 85 5.25 -26.74 -5.51
C CYS B 85 5.60 -25.60 -6.50
N VAL B 86 6.87 -25.40 -6.83
CA VAL B 86 7.23 -24.36 -7.85
C VAL B 86 8.00 -25.02 -9.00
N LEU B 87 7.82 -24.45 -10.21
CA LEU B 87 8.58 -24.73 -11.45
C LEU B 87 9.68 -23.73 -11.62
N LYS B 88 10.83 -24.19 -12.06
CA LYS B 88 11.98 -23.32 -12.41
C LYS B 88 12.25 -23.48 -13.90
N LEU B 89 11.81 -22.53 -14.70
CA LEU B 89 12.13 -22.49 -16.15
C LEU B 89 13.44 -21.73 -16.28
N LYS B 90 14.50 -22.41 -16.72
CA LYS B 90 15.72 -21.76 -17.22
C LYS B 90 15.38 -21.11 -18.57
N VAL B 91 15.90 -19.90 -18.83
CA VAL B 91 15.60 -19.11 -20.06
C VAL B 91 16.92 -18.59 -20.65
N ASP B 92 16.97 -18.38 -21.98
CA ASP B 92 18.21 -17.98 -22.72
C ASP B 92 18.70 -16.59 -22.26
N THR B 93 17.86 -15.79 -21.56
CA THR B 93 18.10 -14.34 -21.30
C THR B 93 18.01 -14.02 -19.81
N ALA B 94 19.14 -13.71 -19.18
CA ALA B 94 19.23 -13.09 -17.83
C ALA B 94 18.40 -11.79 -17.84
N ASN B 95 17.60 -11.59 -16.81
CA ASN B 95 16.78 -10.38 -16.62
C ASN B 95 17.73 -9.21 -16.40
N PRO B 96 17.78 -8.26 -17.33
CA PRO B 96 18.66 -7.11 -17.19
C PRO B 96 18.21 -6.11 -16.10
N LYS B 97 16.94 -6.17 -15.66
CA LYS B 97 16.44 -5.39 -14.50
C LYS B 97 16.40 -6.24 -13.22
N THR B 98 17.15 -7.35 -13.15
CA THR B 98 17.24 -8.21 -11.93
C THR B 98 17.76 -7.37 -10.77
N PRO B 99 17.01 -7.23 -9.66
CA PRO B 99 17.51 -6.55 -8.47
C PRO B 99 18.37 -7.46 -7.59
N LYS B 100 19.06 -6.89 -6.60
CA LYS B 100 19.67 -7.67 -5.51
C LYS B 100 18.51 -8.38 -4.82
N TYR B 101 18.63 -9.67 -4.53
CA TYR B 101 17.52 -10.46 -3.97
C TYR B 101 18.05 -11.58 -3.07
N LYS B 102 17.29 -11.92 -2.05
CA LYS B 102 17.37 -13.19 -1.29
C LYS B 102 16.00 -13.85 -1.38
N PHE B 103 15.92 -15.09 -0.91
CA PHE B 103 14.70 -15.89 -0.68
C PHE B 103 14.64 -16.17 0.83
N VAL B 104 13.52 -15.91 1.50
CA VAL B 104 13.42 -16.03 2.99
C VAL B 104 12.12 -16.76 3.32
N ARG B 105 12.09 -17.54 4.38
CA ARG B 105 10.83 -18.11 4.91
C ARG B 105 10.49 -17.31 6.16
N ILE B 106 9.38 -16.54 6.13
CA ILE B 106 8.93 -15.63 7.24
C ILE B 106 8.13 -16.46 8.26
N GLN B 107 7.96 -15.93 9.47
CA GLN B 107 7.15 -16.53 10.56
C GLN B 107 5.71 -16.04 10.44
N PRO B 108 4.71 -16.75 11.01
CA PRO B 108 3.43 -16.15 11.35
C PRO B 108 3.74 -14.90 12.16
N GLY B 109 3.18 -13.75 11.77
CA GLY B 109 3.29 -12.44 12.47
C GLY B 109 3.93 -11.40 11.58
N GLN B 110 4.88 -11.82 10.75
CA GLN B 110 5.71 -10.94 9.88
C GLN B 110 4.89 -10.46 8.67
N THR B 111 5.19 -9.24 8.23
CA THR B 111 4.49 -8.60 7.09
C THR B 111 5.38 -8.71 5.85
N PHE B 112 4.78 -8.47 4.69
CA PHE B 112 5.46 -8.31 3.38
C PHE B 112 4.51 -7.50 2.50
N SER B 113 4.97 -7.07 1.34
CA SER B 113 4.11 -6.37 0.36
C SER B 113 3.83 -7.34 -0.78
N VAL B 114 2.58 -7.39 -1.25
CA VAL B 114 2.13 -8.29 -2.35
C VAL B 114 1.91 -7.43 -3.60
N LEU B 115 2.74 -7.64 -4.63
CA LEU B 115 2.46 -7.12 -6.00
C LEU B 115 1.50 -8.10 -6.70
N ALA B 116 0.21 -7.80 -6.70
CA ALA B 116 -0.85 -8.54 -7.44
C ALA B 116 -0.66 -8.37 -8.97
N CYS B 117 -0.66 -9.47 -9.73
CA CYS B 117 -0.47 -9.48 -11.21
C CYS B 117 -1.50 -10.36 -11.89
N TYR B 118 -1.75 -10.01 -13.14
CA TYR B 118 -2.62 -10.68 -14.13
C TYR B 118 -1.90 -10.64 -15.46
N ASN B 119 -1.71 -11.83 -16.04
CA ASN B 119 -1.16 -12.02 -17.39
C ASN B 119 0.26 -11.45 -17.37
N GLY B 120 0.94 -11.52 -16.20
CA GLY B 120 2.31 -11.03 -15.99
C GLY B 120 2.38 -9.52 -15.81
N SER B 121 1.27 -8.80 -15.99
CA SER B 121 1.23 -7.32 -15.87
C SER B 121 0.79 -6.95 -14.45
N PRO B 122 1.56 -6.12 -13.70
CA PRO B 122 1.30 -5.87 -12.29
C PRO B 122 0.05 -4.99 -12.16
N SER B 123 -0.82 -5.31 -11.20
CA SER B 123 -2.16 -4.68 -11.05
C SER B 123 -2.18 -3.70 -9.89
N GLY B 124 -1.69 -4.08 -8.73
CA GLY B 124 -1.66 -3.19 -7.55
C GLY B 124 -0.81 -3.80 -6.47
N VAL B 125 -0.48 -3.02 -5.44
CA VAL B 125 0.38 -3.48 -4.32
C VAL B 125 -0.35 -3.18 -3.02
N TYR B 126 -0.16 -4.01 -2.00
CA TYR B 126 -0.80 -3.87 -0.67
C TYR B 126 0.01 -4.66 0.35
N GLN B 127 -0.06 -4.28 1.61
CA GLN B 127 0.71 -4.93 2.70
C GLN B 127 -0.10 -6.11 3.23
N CYS B 128 0.55 -7.21 3.59
CA CYS B 128 -0.09 -8.44 4.13
C CYS B 128 0.69 -8.98 5.32
N ALA B 129 0.02 -9.49 6.35
CA ALA B 129 0.64 -10.33 7.40
C ALA B 129 0.33 -11.82 7.14
N MET B 130 1.37 -12.65 7.21
CA MET B 130 1.25 -14.10 7.45
C MET B 130 0.50 -14.30 8.77
N ARG B 131 -0.72 -14.80 8.70
CA ARG B 131 -1.56 -15.12 9.88
C ARG B 131 -0.93 -16.28 10.65
N PRO B 132 -1.27 -16.43 11.96
CA PRO B 132 -0.85 -17.58 12.76
C PRO B 132 -1.31 -18.93 12.19
N ASN B 133 -2.45 -18.90 11.48
CA ASN B 133 -3.05 -20.04 10.73
C ASN B 133 -2.43 -20.15 9.31
N PHE B 134 -1.32 -19.44 9.06
CA PHE B 134 -0.41 -19.61 7.89
C PHE B 134 -1.09 -19.21 6.56
N THR B 135 -2.20 -18.45 6.61
CA THR B 135 -2.92 -17.90 5.44
C THR B 135 -2.70 -16.39 5.40
N ILE B 136 -3.25 -15.70 4.41
CA ILE B 136 -3.20 -14.21 4.30
C ILE B 136 -4.58 -13.76 3.79
N LYS B 137 -5.12 -12.72 4.40
CA LYS B 137 -6.32 -12.02 3.88
C LYS B 137 -5.84 -11.14 2.74
N GLY B 138 -5.75 -11.73 1.54
CA GLY B 138 -5.35 -11.02 0.31
C GLY B 138 -6.55 -10.59 -0.52
N SER B 139 -6.25 -9.99 -1.67
CA SER B 139 -7.20 -9.56 -2.73
C SER B 139 -6.64 -10.06 -4.06
N PHE B 140 -7.06 -11.25 -4.45
CA PHE B 140 -6.61 -12.00 -5.64
C PHE B 140 -7.83 -12.45 -6.43
N LEU B 141 -7.73 -12.44 -7.76
CA LEU B 141 -8.73 -13.03 -8.71
C LEU B 141 -8.06 -14.15 -9.53
N ASN B 142 -8.80 -14.72 -10.47
CA ASN B 142 -8.29 -15.72 -11.44
C ASN B 142 -7.10 -15.10 -12.19
N GLY B 143 -5.97 -15.81 -12.16
CA GLY B 143 -4.74 -15.42 -12.87
C GLY B 143 -3.85 -14.57 -12.01
N SER B 144 -4.04 -14.63 -10.69
CA SER B 144 -3.25 -13.87 -9.68
C SER B 144 -2.04 -14.70 -9.27
N ALA B 145 -2.11 -16.02 -9.46
CA ALA B 145 -1.11 -17.01 -9.00
C ALA B 145 0.25 -16.62 -9.57
N GLY B 146 1.28 -16.74 -8.73
CA GLY B 146 2.68 -16.40 -9.06
C GLY B 146 3.01 -14.95 -8.72
N SER B 147 1.98 -14.14 -8.50
CA SER B 147 2.10 -12.89 -7.71
C SER B 147 2.91 -13.24 -6.46
N VAL B 148 3.80 -12.33 -6.09
CA VAL B 148 4.83 -12.56 -5.03
C VAL B 148 4.70 -11.52 -3.90
N GLY B 149 5.14 -11.94 -2.73
CA GLY B 149 5.24 -11.11 -1.52
C GLY B 149 6.68 -10.84 -1.23
N PHE B 150 7.03 -9.64 -0.78
CA PHE B 150 8.45 -9.23 -0.63
C PHE B 150 8.61 -8.16 0.45
N ASN B 151 9.86 -8.04 0.88
CA ASN B 151 10.39 -6.94 1.73
C ASN B 151 11.64 -6.42 1.04
N ILE B 152 11.87 -5.10 1.07
CA ILE B 152 13.10 -4.44 0.55
C ILE B 152 13.85 -3.88 1.77
N ASP B 153 15.18 -4.07 1.86
CA ASP B 153 16.04 -3.53 2.95
C ASP B 153 16.51 -2.10 2.62
N TYR B 154 17.47 -1.94 1.72
CA TYR B 154 17.65 -0.63 1.04
C TYR B 154 17.29 -0.91 -0.42
N ASP B 155 18.13 -1.75 -1.09
CA ASP B 155 17.95 -2.15 -2.51
C ASP B 155 17.95 -3.68 -2.63
N CYS B 156 17.74 -4.40 -1.52
CA CYS B 156 17.68 -5.89 -1.52
C CYS B 156 16.26 -6.40 -1.28
N VAL B 157 15.66 -6.97 -2.33
CA VAL B 157 14.31 -7.62 -2.32
C VAL B 157 14.43 -9.02 -1.70
N SER B 158 13.85 -9.25 -0.53
CA SER B 158 13.70 -10.60 0.04
C SER B 158 12.32 -11.10 -0.36
N PHE B 159 12.24 -12.16 -1.17
CA PHE B 159 10.96 -12.80 -1.57
C PHE B 159 10.65 -13.84 -0.53
N CYS B 160 9.51 -13.72 0.11
CA CYS B 160 9.04 -14.63 1.17
C CYS B 160 7.76 -15.35 0.72
N TYR B 161 7.10 -14.90 -0.35
CA TYR B 161 5.77 -15.43 -0.74
C TYR B 161 5.65 -15.51 -2.26
N MET B 162 4.96 -16.55 -2.70
CA MET B 162 4.39 -16.69 -4.06
C MET B 162 2.97 -17.21 -3.92
N HIS B 163 2.05 -16.76 -4.79
CA HIS B 163 0.59 -17.01 -4.64
C HIS B 163 0.17 -18.23 -5.46
N HIS B 164 -0.66 -19.10 -4.87
CA HIS B 164 -1.19 -20.32 -5.53
C HIS B 164 -2.72 -20.30 -5.52
N MET B 165 -3.36 -20.29 -4.34
CA MET B 165 -4.80 -20.65 -4.28
C MET B 165 -5.63 -19.82 -3.27
N GLU B 166 -6.94 -19.98 -3.36
CA GLU B 166 -7.93 -19.30 -2.49
C GLU B 166 -8.75 -20.35 -1.73
N LEU B 167 -8.60 -20.38 -0.41
CA LEU B 167 -9.41 -21.24 0.50
C LEU B 167 -10.86 -20.79 0.40
N PRO B 168 -11.84 -21.63 0.84
CA PRO B 168 -13.24 -21.37 0.54
C PRO B 168 -13.85 -20.34 1.49
N THR B 169 -13.00 -19.69 2.31
CA THR B 169 -13.36 -18.63 3.29
C THR B 169 -12.98 -17.23 2.75
N GLY B 170 -12.40 -17.14 1.55
CA GLY B 170 -11.90 -15.89 0.96
C GLY B 170 -10.46 -15.55 1.33
N VAL B 171 -9.80 -16.30 2.21
CA VAL B 171 -8.36 -16.09 2.53
C VAL B 171 -7.49 -16.96 1.59
N HIS B 172 -6.17 -16.76 1.62
CA HIS B 172 -5.20 -17.16 0.56
C HIS B 172 -4.07 -18.03 1.12
N ALA B 173 -3.56 -18.94 0.29
CA ALA B 173 -2.46 -19.87 0.62
C ALA B 173 -1.42 -19.84 -0.49
N GLY B 174 -0.15 -19.80 -0.12
CA GLY B 174 0.98 -19.74 -1.06
C GLY B 174 2.17 -20.48 -0.49
N THR B 175 3.33 -20.33 -1.11
CA THR B 175 4.59 -20.98 -0.71
C THR B 175 5.66 -19.90 -0.57
N ASP B 176 6.80 -20.28 0.02
CA ASP B 176 8.08 -19.54 -0.14
C ASP B 176 8.55 -19.80 -1.58
N LEU B 177 9.71 -19.27 -1.99
CA LEU B 177 10.20 -19.36 -3.38
C LEU B 177 11.06 -20.64 -3.55
N GLU B 178 11.09 -21.53 -2.55
CA GLU B 178 11.56 -22.93 -2.72
C GLU B 178 10.34 -23.85 -2.82
N GLY B 179 9.12 -23.29 -2.87
CA GLY B 179 7.89 -24.00 -3.23
C GLY B 179 7.19 -24.72 -2.08
N ASN B 180 7.72 -24.62 -0.85
CA ASN B 180 7.08 -25.18 0.38
C ASN B 180 5.92 -24.29 0.84
N PHE B 181 4.69 -24.81 0.78
CA PHE B 181 3.49 -24.12 1.29
C PHE B 181 3.77 -23.69 2.72
N TYR B 182 3.26 -22.50 3.06
CA TYR B 182 2.99 -22.01 4.44
C TYR B 182 1.76 -22.76 4.94
N GLY B 183 1.90 -23.51 6.03
CA GLY B 183 0.76 -24.21 6.68
C GLY B 183 0.42 -25.51 5.98
N PRO B 184 -0.62 -26.24 6.43
CA PRO B 184 -0.87 -27.62 5.98
C PRO B 184 -1.62 -27.76 4.64
N PHE B 185 -1.44 -26.86 3.69
CA PHE B 185 -2.25 -26.86 2.44
C PHE B 185 -1.48 -27.54 1.29
N VAL B 186 -2.19 -27.86 0.22
CA VAL B 186 -1.64 -28.57 -0.97
C VAL B 186 -2.35 -28.09 -2.23
N ASP B 187 -1.60 -28.04 -3.33
CA ASP B 187 -2.07 -27.48 -4.62
C ASP B 187 -2.85 -28.58 -5.35
N ARG B 188 -4.08 -28.81 -4.90
CA ARG B 188 -5.15 -29.53 -5.64
C ARG B 188 -6.49 -29.13 -5.04
N GLN B 189 -7.59 -29.33 -5.77
CA GLN B 189 -8.95 -28.89 -5.34
C GLN B 189 -9.59 -30.02 -4.52
N THR B 190 -8.94 -30.42 -3.42
CA THR B 190 -9.52 -31.27 -2.35
C THR B 190 -9.99 -30.36 -1.23
N ALA B 191 -10.84 -30.91 -0.36
CA ALA B 191 -11.40 -30.22 0.82
C ALA B 191 -10.24 -29.87 1.77
N GLN B 192 -9.91 -28.58 1.83
CA GLN B 192 -8.99 -27.99 2.83
C GLN B 192 -9.71 -26.84 3.51
N ALA B 193 -9.41 -26.63 4.80
CA ALA B 193 -9.91 -25.54 5.65
C ALA B 193 -8.77 -25.08 6.55
N ALA B 194 -8.63 -23.76 6.75
CA ALA B 194 -7.58 -23.18 7.61
C ALA B 194 -7.86 -23.54 9.07
N GLY B 195 -6.82 -23.84 9.84
CA GLY B 195 -6.91 -23.88 11.32
C GLY B 195 -7.47 -22.55 11.82
N THR B 196 -8.26 -22.55 12.90
CA THR B 196 -8.90 -21.33 13.46
C THR B 196 -7.82 -20.29 13.78
N ASP B 197 -8.04 -19.06 13.29
CA ASP B 197 -7.03 -17.96 13.31
C ASP B 197 -6.97 -17.29 14.68
N THR B 198 -5.76 -17.16 15.23
CA THR B 198 -5.42 -16.37 16.46
C THR B 198 -5.16 -14.91 16.01
N THR B 199 -5.08 -13.96 16.96
CA THR B 199 -4.65 -12.56 16.72
C THR B 199 -3.15 -12.44 16.97
N ILE B 200 -2.48 -11.54 16.24
CA ILE B 200 -1.02 -11.31 16.44
C ILE B 200 -0.87 -10.24 17.53
N THR B 201 -0.71 -10.70 18.77
CA THR B 201 -0.66 -9.91 20.04
C THR B 201 0.38 -8.79 19.95
N VAL B 202 1.67 -9.16 19.86
CA VAL B 202 2.82 -8.23 19.72
C VAL B 202 2.46 -7.15 18.67
N ASN B 203 1.80 -7.53 17.59
CA ASN B 203 1.54 -6.60 16.46
C ASN B 203 0.59 -5.50 16.92
N VAL B 204 -0.45 -5.87 17.65
CA VAL B 204 -1.49 -4.94 18.17
C VAL B 204 -0.82 -4.00 19.19
N LEU B 205 0.04 -4.57 20.02
CA LEU B 205 0.85 -3.83 21.02
C LEU B 205 1.74 -2.80 20.33
N ALA B 206 2.34 -3.13 19.18
CA ALA B 206 3.18 -2.20 18.41
C ALA B 206 2.26 -1.13 17.84
N TRP B 207 1.05 -1.54 17.47
CA TRP B 207 0.04 -0.65 16.84
C TRP B 207 -0.51 0.36 17.85
N LEU B 208 -0.58 -0.02 19.13
CA LEU B 208 -0.98 0.89 20.23
C LEU B 208 0.12 1.96 20.37
N TYR B 209 1.37 1.53 20.58
CA TYR B 209 2.56 2.41 20.64
C TYR B 209 2.52 3.40 19.48
N ALA B 210 2.10 2.96 18.29
CA ALA B 210 2.06 3.80 17.07
C ALA B 210 1.03 4.93 17.28
N ALA B 211 -0.07 4.58 17.96
CA ALA B 211 -1.23 5.47 18.24
C ALA B 211 -0.83 6.49 19.32
N VAL B 212 -0.01 6.10 20.28
CA VAL B 212 0.50 7.00 21.35
C VAL B 212 1.33 8.07 20.63
N ILE B 213 2.26 7.63 19.78
CA ILE B 213 3.20 8.49 19.02
C ILE B 213 2.45 9.51 18.16
N ASN B 214 1.20 9.23 17.78
CA ASN B 214 0.30 10.11 16.96
C ASN B 214 -0.76 10.78 17.82
N GLY B 215 -0.73 10.57 19.14
CA GLY B 215 -1.55 11.33 20.09
C GLY B 215 -2.54 10.49 20.88
N ASP B 216 -3.33 9.60 20.24
CA ASP B 216 -4.39 8.83 20.95
C ASP B 216 -3.74 8.11 22.13
N ARG B 217 -4.19 8.42 23.36
CA ARG B 217 -3.62 7.87 24.61
C ARG B 217 -4.73 7.32 25.51
N TRP B 218 -6.00 7.57 25.14
CA TRP B 218 -7.19 7.39 26.01
C TRP B 218 -7.25 5.94 26.51
N PHE B 219 -6.85 4.99 25.69
CA PHE B 219 -6.87 3.55 26.02
C PHE B 219 -5.80 3.21 27.08
N LEU B 220 -5.02 4.16 27.57
CA LEU B 220 -3.99 3.85 28.60
C LEU B 220 -4.63 3.85 30.00
N ASN B 221 -3.95 3.22 30.96
CA ASN B 221 -4.28 3.28 32.40
C ASN B 221 -3.00 3.13 33.23
N ARG B 222 -3.08 3.57 34.50
CA ARG B 222 -2.10 3.36 35.59
C ARG B 222 -2.00 1.87 35.98
N PHE B 223 -2.89 0.99 35.49
CA PHE B 223 -2.81 -0.49 35.71
C PHE B 223 -1.53 -1.01 35.04
N THR B 224 -0.70 -1.73 35.80
CA THR B 224 0.37 -2.66 35.31
C THR B 224 -0.11 -4.09 35.60
N THR B 225 0.68 -5.14 35.26
CA THR B 225 0.33 -6.57 35.50
C THR B 225 1.50 -7.52 35.20
N THR B 226 1.18 -8.81 35.29
CA THR B 226 2.08 -9.98 35.16
C THR B 226 1.86 -10.60 33.76
N LEU B 227 2.90 -10.63 32.94
CA LEU B 227 2.91 -11.37 31.65
C LEU B 227 1.95 -12.58 31.74
N ASN B 228 2.15 -13.44 32.74
CA ASN B 228 1.47 -14.77 32.88
C ASN B 228 -0.04 -14.53 32.98
N ASP B 229 -0.43 -13.51 33.74
CA ASP B 229 -1.82 -13.11 34.05
C ASP B 229 -2.47 -12.42 32.84
N PHE B 230 -1.74 -11.60 32.09
CA PHE B 230 -2.16 -11.00 30.78
C PHE B 230 -2.31 -12.11 29.74
N ASN B 231 -1.37 -13.08 29.76
CA ASN B 231 -1.41 -14.30 28.90
C ASN B 231 -2.68 -15.09 29.21
N LEU B 232 -2.89 -15.44 30.49
CA LEU B 232 -4.12 -16.14 30.98
C LEU B 232 -5.39 -15.44 30.46
N VAL B 233 -5.35 -14.12 30.21
CA VAL B 233 -6.51 -13.27 29.77
C VAL B 233 -6.54 -13.15 28.23
N ALA B 234 -5.39 -13.33 27.58
CA ALA B 234 -5.21 -13.33 26.11
C ALA B 234 -5.75 -14.64 25.55
N MET B 235 -5.26 -15.77 26.09
CA MET B 235 -5.74 -17.15 25.84
C MET B 235 -7.27 -17.22 25.90
N LYS B 236 -7.94 -16.15 26.32
CA LYS B 236 -9.41 -16.08 26.50
C LYS B 236 -10.04 -15.13 25.45
N TYR B 237 -9.27 -14.50 24.56
CA TYR B 237 -9.82 -13.70 23.44
C TYR B 237 -9.21 -14.16 22.11
N ASN B 238 -8.50 -15.30 22.12
CA ASN B 238 -7.89 -15.97 20.93
C ASN B 238 -6.60 -15.23 20.51
N TYR B 239 -5.99 -14.49 21.43
CA TYR B 239 -4.65 -13.86 21.25
C TYR B 239 -3.63 -14.98 21.40
N GLU B 240 -2.62 -14.99 20.54
CA GLU B 240 -1.44 -15.85 20.75
C GLU B 240 -0.85 -15.46 22.10
N PRO B 241 -0.33 -16.43 22.88
CA PRO B 241 0.58 -16.09 23.96
C PRO B 241 1.69 -15.15 23.45
N LEU B 242 2.05 -14.19 24.31
CA LEU B 242 3.16 -13.20 24.14
C LEU B 242 4.38 -13.75 24.86
N THR B 243 5.49 -13.95 24.16
CA THR B 243 6.72 -14.56 24.74
C THR B 243 7.52 -13.45 25.40
N GLN B 244 8.69 -13.79 25.96
CA GLN B 244 9.67 -12.85 26.58
C GLN B 244 10.59 -12.28 25.49
N ASP B 245 10.63 -12.96 24.33
CA ASP B 245 11.20 -12.42 23.07
C ASP B 245 10.29 -11.30 22.55
N HIS B 246 8.97 -11.51 22.59
CA HIS B 246 7.95 -10.55 22.11
C HIS B 246 8.07 -9.24 22.88
N VAL B 247 8.28 -9.31 24.20
CA VAL B 247 8.49 -8.11 25.07
C VAL B 247 9.76 -7.38 24.64
N ASP B 248 10.83 -8.11 24.33
CA ASP B 248 12.18 -7.54 24.02
C ASP B 248 12.08 -6.64 22.78
N ILE B 249 11.32 -7.06 21.76
CA ILE B 249 11.31 -6.39 20.42
C ILE B 249 10.45 -5.13 20.48
N LEU B 250 9.52 -5.03 21.45
CA LEU B 250 8.76 -3.80 21.79
C LEU B 250 9.64 -2.83 22.61
N GLY B 251 10.71 -3.34 23.24
CA GLY B 251 11.76 -2.56 23.94
C GLY B 251 11.97 -1.16 23.38
N PRO B 252 12.40 -1.00 22.10
CA PRO B 252 12.53 0.32 21.47
C PRO B 252 11.32 1.22 21.66
N LEU B 253 10.11 0.77 21.26
CA LEU B 253 8.88 1.63 21.24
C LEU B 253 8.50 1.99 22.68
N SER B 254 8.81 1.09 23.61
CA SER B 254 8.56 1.23 25.07
C SER B 254 9.44 2.36 25.61
N ALA B 255 10.62 2.52 24.99
CA ALA B 255 11.63 3.54 25.33
C ALA B 255 11.14 4.91 24.88
N GLN B 256 10.88 5.05 23.57
CA GLN B 256 10.50 6.31 22.89
C GLN B 256 9.28 6.91 23.57
N THR B 257 8.36 6.09 24.12
CA THR B 257 7.07 6.50 24.72
C THR B 257 7.15 6.57 26.25
N GLY B 258 8.13 5.90 26.86
CA GLY B 258 8.24 5.73 28.32
C GLY B 258 7.20 4.78 28.87
N ILE B 259 6.31 4.22 28.05
CA ILE B 259 5.33 3.19 28.48
C ILE B 259 6.00 1.81 28.43
N ALA B 260 6.24 1.22 29.60
CA ALA B 260 6.78 -0.16 29.76
C ALA B 260 5.80 -1.16 29.13
N VAL B 261 6.34 -2.18 28.46
CA VAL B 261 5.56 -3.17 27.67
C VAL B 261 4.42 -3.75 28.52
N LEU B 262 4.74 -4.17 29.75
CA LEU B 262 3.78 -4.80 30.69
C LEU B 262 2.60 -3.84 30.91
N ASP B 263 2.85 -2.53 30.91
CA ASP B 263 1.83 -1.49 31.17
C ASP B 263 0.89 -1.47 29.97
N MET B 264 1.42 -1.60 28.75
CA MET B 264 0.64 -1.59 27.49
C MET B 264 -0.24 -2.85 27.38
N CYS B 265 0.20 -3.97 27.98
CA CYS B 265 -0.58 -5.24 28.01
C CYS B 265 -1.83 -5.02 28.86
N ALA B 266 -1.70 -4.32 29.99
CA ALA B 266 -2.81 -3.98 30.91
C ALA B 266 -3.78 -3.03 30.20
N SER B 267 -3.26 -2.19 29.31
CA SER B 267 -4.05 -1.29 28.43
C SER B 267 -4.82 -2.13 27.40
N LEU B 268 -4.21 -3.22 26.92
CA LEU B 268 -4.79 -4.14 25.90
C LEU B 268 -5.92 -4.92 26.54
N LYS B 269 -5.63 -5.54 27.70
CA LYS B 269 -6.60 -6.23 28.59
C LYS B 269 -7.87 -5.36 28.70
N GLU B 270 -7.77 -4.17 29.29
CA GLU B 270 -8.96 -3.32 29.64
C GLU B 270 -9.78 -3.00 28.36
N LEU B 271 -9.12 -3.00 27.20
CA LEU B 271 -9.79 -2.83 25.88
C LEU B 271 -10.66 -4.06 25.60
N LEU B 272 -10.08 -5.27 25.72
CA LEU B 272 -10.75 -6.53 25.36
C LEU B 272 -12.00 -6.76 26.23
N GLN B 273 -11.91 -6.48 27.53
CA GLN B 273 -13.02 -6.54 28.52
C GLN B 273 -14.18 -5.65 28.06
N ASN B 274 -13.89 -4.37 27.84
CA ASN B 274 -14.93 -3.30 27.77
C ASN B 274 -15.14 -2.86 26.33
N GLY B 275 -14.27 -3.28 25.40
CA GLY B 275 -14.30 -2.81 24.00
C GLY B 275 -13.92 -1.34 23.89
N MET B 276 -14.17 -0.74 22.74
CA MET B 276 -13.71 0.62 22.37
C MET B 276 -14.81 1.66 22.62
N ASN B 277 -15.99 1.25 23.09
CA ASN B 277 -17.06 2.20 23.56
C ASN B 277 -17.37 3.20 22.45
N GLY B 278 -17.59 2.71 21.23
CA GLY B 278 -17.75 3.54 20.01
C GLY B 278 -16.65 4.58 19.86
N ARG B 279 -15.43 4.28 20.33
CA ARG B 279 -14.22 5.13 20.10
C ARG B 279 -13.47 4.58 18.90
N THR B 280 -12.40 5.27 18.50
CA THR B 280 -11.53 4.94 17.35
C THR B 280 -10.10 4.84 17.91
N ILE B 281 -9.22 4.05 17.27
CA ILE B 281 -7.74 4.14 17.44
C ILE B 281 -7.10 4.19 16.06
N LEU B 282 -6.35 5.25 15.80
CA LEU B 282 -5.70 5.51 14.49
C LEU B 282 -6.73 5.38 13.36
N GLY B 283 -7.99 5.76 13.60
CA GLY B 283 -9.06 5.76 12.57
C GLY B 283 -9.76 4.42 12.44
N SER B 284 -9.39 3.41 13.23
CA SER B 284 -10.00 2.06 13.21
C SER B 284 -10.87 1.86 14.47
N ALA B 285 -11.96 1.11 14.34
CA ALA B 285 -12.89 0.85 15.46
C ALA B 285 -12.68 -0.56 16.05
N LEU B 286 -11.56 -1.22 15.70
CA LEU B 286 -11.17 -2.58 16.19
C LEU B 286 -9.64 -2.65 16.25
N LEU B 287 -9.08 -3.61 17.00
CA LEU B 287 -7.61 -3.70 17.26
C LEU B 287 -6.85 -4.30 16.05
N GLU B 288 -6.09 -3.48 15.31
CA GLU B 288 -5.34 -3.89 14.08
C GLU B 288 -4.06 -4.65 14.46
N ASP B 289 -3.86 -5.85 13.91
CA ASP B 289 -2.73 -6.73 14.30
C ASP B 289 -1.80 -6.97 13.11
N GLU B 290 -1.99 -6.30 11.98
CA GLU B 290 -1.15 -6.58 10.76
C GLU B 290 -0.01 -5.54 10.66
N PHE B 291 0.48 -4.99 11.78
CA PHE B 291 1.59 -4.00 11.82
C PHE B 291 2.69 -4.46 12.77
N THR B 292 3.85 -4.82 12.22
CA THR B 292 5.03 -5.29 13.01
C THR B 292 5.68 -4.11 13.73
N PRO B 293 6.37 -4.35 14.87
CA PRO B 293 7.23 -3.36 15.49
C PRO B 293 8.07 -2.59 14.46
N PHE B 294 8.75 -3.32 13.56
CA PHE B 294 9.58 -2.76 12.46
C PHE B 294 8.66 -1.91 11.58
N ASP B 295 7.50 -2.43 11.17
CA ASP B 295 6.51 -1.69 10.36
C ASP B 295 6.36 -0.29 10.97
N VAL B 296 6.15 -0.24 12.29
CA VAL B 296 5.81 1.00 13.05
C VAL B 296 7.07 1.89 13.24
N VAL B 297 8.19 1.33 13.70
CA VAL B 297 9.46 2.10 13.84
C VAL B 297 9.79 2.73 12.48
N ARG B 298 9.67 1.97 11.39
CA ARG B 298 9.96 2.40 9.98
C ARG B 298 9.13 3.64 9.63
N GLN B 299 7.86 3.72 10.00
CA GLN B 299 6.98 4.88 9.70
C GLN B 299 7.18 6.05 10.68
N CYS B 300 7.31 5.79 12.00
CA CYS B 300 7.16 6.79 13.12
C CYS B 300 8.48 7.55 13.42
N SER B 301 9.61 6.84 13.38
CA SER B 301 10.99 7.42 13.42
C SER B 301 11.52 7.65 11.99
N GLY B 302 12.24 8.75 11.78
CA GLY B 302 12.92 9.11 10.50
C GLY B 302 12.47 8.25 9.32
N VAL C 1 1.96 23.61 12.28
CA VAL C 1 1.89 23.87 10.82
C VAL C 1 3.32 23.87 10.28
N LYS C 2 3.78 22.68 9.86
CA LYS C 2 5.20 22.39 9.51
C LYS C 2 5.32 22.21 8.00
N LEU C 3 6.24 22.97 7.37
CA LEU C 3 6.75 22.74 5.99
C LEU C 3 7.70 21.54 6.06
N GLN C 4 7.49 20.56 5.19
CA GLN C 4 8.02 19.17 5.40
C GLN C 4 9.21 18.90 4.48
N ALA C 5 9.91 19.93 4.07
CA ALA C 5 11.29 19.81 3.57
C ALA C 5 12.17 19.57 4.81
N VAL C 6 13.45 19.28 4.58
CA VAL C 6 14.50 19.26 5.64
C VAL C 6 15.26 20.58 5.60
N PHE C 7 15.21 21.31 6.72
CA PHE C 7 15.94 22.58 7.01
C PHE C 7 17.12 22.24 7.92
N ARG C 8 18.28 22.88 7.73
CA ARG C 8 19.50 22.58 8.52
C ARG C 8 20.07 23.87 9.15
N VAL D 1 -11.65 -25.12 -2.44
CA VAL D 1 -10.33 -24.53 -2.78
C VAL D 1 -10.25 -24.26 -4.28
N LYS D 2 -9.76 -23.08 -4.65
CA LYS D 2 -9.53 -22.63 -6.04
C LYS D 2 -8.06 -22.28 -6.28
N LEU D 3 -7.42 -22.96 -7.23
CA LEU D 3 -6.08 -22.65 -7.77
C LEU D 3 -6.28 -21.43 -8.67
N GLN D 4 -5.43 -20.40 -8.56
CA GLN D 4 -5.74 -19.06 -9.14
C GLN D 4 -4.89 -18.76 -10.37
N ALA D 5 -4.47 -19.80 -11.09
CA ALA D 5 -4.18 -19.74 -12.53
C ALA D 5 -5.51 -19.54 -13.28
N VAL D 6 -5.47 -19.08 -14.55
CA VAL D 6 -6.63 -19.02 -15.49
C VAL D 6 -6.58 -20.28 -16.37
N PHE D 7 -7.63 -21.10 -16.33
CA PHE D 7 -7.69 -22.45 -16.97
C PHE D 7 -8.46 -22.42 -18.30
N ARG D 8 -9.05 -21.28 -18.64
CA ARG D 8 -9.82 -21.03 -19.89
C ARG D 8 -8.98 -21.44 -21.11
#